data_5KAY
#
_entry.id   5KAY
#
_cell.length_a   41.714
_cell.length_b   41.496
_cell.length_c   61.506
_cell.angle_alpha   87.270
_cell.angle_beta   83.090
_cell.angle_gamma   79.460
#
_symmetry.space_group_name_H-M   'P 1'
#
loop_
_entity.id
_entity.type
_entity.pdbx_description
1 polymer Spelter
2 non-polymer 'ZINC ION'
3 non-polymer 'SODIUM ION'
4 water water
#
_entity_poly.entity_id   1
_entity_poly.type   'polypeptide(L)'
_entity_poly.pdbx_seq_one_letter_code
;SQYALARTFATQKVSLEESVLSQVTTAIQTAQEKIVYAGNGTLSDDDRASLATDLQGIRDQLMNLANSTDGNGRYIFAGY
KTEAAPFDQATGGYHGGEKSVTQQVDSAITLEIGHTGAQIFNSICECAVPEPDGSDSEKNLFVMLDTAIAALKTPVEGNN
VEKEKAAAAIDKTNRGLKNSLHNVLEVRWELEWFLELLSAK
;
_entity_poly.pdbx_strand_id   A,B
#
# COMPACT_ATOMS: atom_id res chain seq x y z
N SER A 1 -29.52 17.48 -8.66
CA SER A 1 -30.15 18.06 -7.41
C SER A 1 -30.09 17.14 -6.14
N GLN A 2 -30.78 15.98 -6.16
CA GLN A 2 -30.66 15.07 -5.00
C GLN A 2 -30.06 13.68 -5.26
N TYR A 3 -29.00 13.49 -4.54
CA TYR A 3 -28.15 12.34 -4.65
C TYR A 3 -28.38 11.30 -3.53
N ALA A 4 -29.48 11.43 -2.80
CA ALA A 4 -29.74 10.59 -1.61
C ALA A 4 -29.71 9.10 -1.93
N LEU A 5 -30.54 8.66 -2.87
CA LEU A 5 -30.57 7.27 -3.32
C LEU A 5 -29.17 6.78 -3.86
N ALA A 6 -28.57 7.61 -4.71
CA ALA A 6 -27.24 7.36 -5.32
C ALA A 6 -26.26 7.09 -4.19
N ARG A 7 -26.23 7.95 -3.18
CA ARG A 7 -25.24 7.81 -2.08
C ARG A 7 -25.52 6.56 -1.20
N THR A 8 -26.80 6.26 -1.00
CA THR A 8 -27.14 5.03 -0.25
C THR A 8 -26.71 3.79 -1.07
N PHE A 9 -26.94 3.80 -2.37
CA PHE A 9 -26.56 2.68 -3.18
C PHE A 9 -25.01 2.54 -3.17
N ALA A 10 -24.32 3.66 -3.35
CA ALA A 10 -22.84 3.58 -3.40
C ALA A 10 -22.30 3.14 -2.01
N THR A 11 -22.82 3.67 -0.90
CA THR A 11 -22.40 3.18 0.44
C THR A 11 -22.60 1.70 0.62
N GLN A 12 -23.78 1.22 0.24
CA GLN A 12 -23.97 -0.22 0.27
C GLN A 12 -22.96 -1.04 -0.55
N LYS A 13 -22.70 -0.63 -1.79
CA LYS A 13 -21.92 -1.46 -2.69
C LYS A 13 -20.47 -1.40 -2.20
N VAL A 14 -20.05 -0.22 -1.75
CA VAL A 14 -18.62 -0.05 -1.35
C VAL A 14 -18.40 -0.86 -0.07
N SER A 15 -19.36 -0.83 0.86
CA SER A 15 -19.27 -1.62 2.11
C SER A 15 -19.22 -3.12 1.86
N LEU A 16 -20.03 -3.57 0.92
CA LEU A 16 -19.99 -4.98 0.55
C LEU A 16 -18.57 -5.36 -0.01
N GLU A 17 -18.09 -4.58 -0.96
CA GLU A 17 -16.76 -4.86 -1.49
C GLU A 17 -15.71 -4.81 -0.36
N GLU A 18 -15.76 -3.84 0.52
CA GLU A 18 -14.71 -3.82 1.58
C GLU A 18 -14.80 -5.11 2.45
N SER A 19 -16.03 -5.54 2.72
CA SER A 19 -16.27 -6.73 3.50
C SER A 19 -15.68 -8.01 2.82
N VAL A 20 -15.94 -8.18 1.54
CA VAL A 20 -15.38 -9.32 0.75
C VAL A 20 -13.84 -9.17 0.60
N LEU A 21 -13.37 -7.94 0.39
CA LEU A 21 -11.90 -7.79 0.14
C LEU A 21 -11.13 -8.01 1.41
N SER A 22 -11.78 -7.76 2.53
CA SER A 22 -11.18 -8.06 3.83
C SER A 22 -10.93 -9.60 4.01
N GLN A 23 -11.93 -10.38 3.64
CA GLN A 23 -11.78 -11.86 3.50
C GLN A 23 -10.72 -12.29 2.48
N VAL A 24 -10.65 -11.65 1.29
CA VAL A 24 -9.61 -11.93 0.28
C VAL A 24 -8.22 -11.65 0.93
N THR A 25 -8.10 -10.50 1.61
CA THR A 25 -6.83 -10.18 2.29
C THR A 25 -6.38 -11.29 3.24
N THR A 26 -7.27 -11.70 4.12
CA THR A 26 -6.96 -12.79 5.12
C THR A 26 -6.55 -14.11 4.44
N ALA A 27 -7.26 -14.48 3.38
CA ALA A 27 -6.96 -15.71 2.67
C ALA A 27 -5.57 -15.55 1.98
N ILE A 28 -5.26 -14.36 1.39
CA ILE A 28 -3.96 -14.21 0.71
C ILE A 28 -2.82 -14.35 1.78
N GLN A 29 -3.00 -13.68 2.92
CA GLN A 29 -2.03 -13.77 4.02
C GLN A 29 -1.89 -15.24 4.50
N THR A 30 -2.97 -15.99 4.62
CA THR A 30 -2.87 -17.45 4.98
C THR A 30 -2.08 -18.27 3.95
N ALA A 31 -2.36 -18.05 2.67
CA ALA A 31 -1.52 -18.68 1.60
C ALA A 31 -0.04 -18.26 1.68
N GLN A 32 0.21 -16.96 1.98
CA GLN A 32 1.67 -16.57 2.15
C GLN A 32 2.35 -17.34 3.30
N GLU A 33 1.66 -17.49 4.43
CA GLU A 33 2.17 -18.30 5.56
C GLU A 33 2.46 -19.78 5.10
N LYS A 34 1.54 -20.39 4.33
CA LYS A 34 1.83 -21.69 3.71
C LYS A 34 3.08 -21.73 2.85
N ILE A 35 3.28 -20.70 2.05
CA ILE A 35 4.39 -20.62 1.11
C ILE A 35 5.71 -20.44 1.84
N VAL A 36 5.68 -19.74 2.98
CA VAL A 36 6.91 -19.60 3.82
C VAL A 36 7.31 -20.99 4.30
N TYR A 37 6.38 -21.79 4.78
CA TYR A 37 6.75 -23.19 5.18
C TYR A 37 7.32 -23.97 3.99
N ALA A 38 6.69 -23.77 2.82
CA ALA A 38 7.17 -24.43 1.58
C ALA A 38 8.58 -24.01 1.13
N GLY A 39 9.11 -22.90 1.63
CA GLY A 39 10.48 -22.56 1.28
C GLY A 39 11.57 -23.42 1.98
N ASN A 40 11.17 -24.25 2.92
CA ASN A 40 12.10 -25.17 3.62
C ASN A 40 12.45 -26.41 2.75
N GLY A 41 13.64 -26.37 2.14
CA GLY A 41 14.25 -27.45 1.39
C GLY A 41 14.66 -28.72 2.12
N THR A 42 14.36 -28.85 3.41
CA THR A 42 14.40 -30.19 4.01
C THR A 42 13.08 -30.85 4.20
N LEU A 43 11.99 -30.26 3.68
CA LEU A 43 10.70 -30.97 3.79
C LEU A 43 10.69 -32.24 3.00
N SER A 44 10.08 -33.27 3.55
CA SER A 44 9.91 -34.52 2.76
C SER A 44 8.78 -34.28 1.77
N ASP A 45 8.74 -35.14 0.76
CA ASP A 45 7.74 -35.08 -0.31
C ASP A 45 6.34 -35.22 0.24
N ASP A 46 6.14 -35.96 1.36
CA ASP A 46 4.79 -36.08 2.00
C ASP A 46 4.37 -34.79 2.69
N ASP A 47 5.31 -34.13 3.36
CA ASP A 47 5.06 -32.83 3.95
C ASP A 47 4.67 -31.76 2.93
N ARG A 48 5.39 -31.80 1.80
CA ARG A 48 5.21 -30.89 0.71
C ARG A 48 3.83 -31.10 0.13
N ALA A 49 3.44 -32.36 -0.05
CA ALA A 49 2.13 -32.66 -0.65
C ALA A 49 1.00 -32.29 0.34
N SER A 50 1.22 -32.50 1.63
CA SER A 50 0.31 -31.87 2.66
C SER A 50 0.13 -30.31 2.59
N LEU A 51 1.24 -29.56 2.36
CA LEU A 51 1.20 -28.10 2.17
C LEU A 51 0.40 -27.79 0.92
N ALA A 52 0.62 -28.58 -0.15
CA ALA A 52 -0.17 -28.41 -1.42
C ALA A 52 -1.65 -28.50 -1.19
N THR A 53 -2.11 -29.52 -0.50
CA THR A 53 -3.51 -29.63 -0.13
C THR A 53 -4.06 -28.46 0.70
N ASP A 54 -3.28 -27.99 1.68
CA ASP A 54 -3.67 -26.82 2.49
C ASP A 54 -3.84 -25.62 1.56
N LEU A 55 -2.91 -25.49 0.61
CA LEU A 55 -2.95 -24.36 -0.34
C LEU A 55 -4.11 -24.49 -1.32
N GLN A 56 -4.47 -25.73 -1.66
CA GLN A 56 -5.67 -25.93 -2.52
C GLN A 56 -6.88 -25.47 -1.80
N GLY A 57 -6.96 -25.72 -0.49
CA GLY A 57 -8.15 -25.29 0.30
C GLY A 57 -8.25 -23.76 0.27
N ILE A 58 -7.10 -23.10 0.41
CA ILE A 58 -7.09 -21.64 0.39
C ILE A 58 -7.44 -21.12 -1.00
N ARG A 59 -6.89 -21.74 -2.06
CA ARG A 59 -7.24 -21.37 -3.44
C ARG A 59 -8.74 -21.49 -3.64
N ASP A 60 -9.33 -22.59 -3.14
CA ASP A 60 -10.78 -22.80 -3.35
C ASP A 60 -11.58 -21.71 -2.66
N GLN A 61 -11.18 -21.33 -1.47
CA GLN A 61 -11.78 -20.20 -0.78
C GLN A 61 -11.67 -18.95 -1.62
N LEU A 62 -10.50 -18.68 -2.22
CA LEU A 62 -10.36 -17.43 -2.94
C LEU A 62 -11.21 -17.44 -4.19
N MET A 63 -11.32 -18.61 -4.84
CA MET A 63 -12.18 -18.71 -6.03
C MET A 63 -13.63 -18.44 -5.67
N ASN A 64 -14.09 -18.92 -4.50
CA ASN A 64 -15.47 -18.66 -4.03
C ASN A 64 -15.68 -17.19 -3.70
N LEU A 65 -14.62 -16.56 -3.23
CA LEU A 65 -14.69 -15.08 -3.03
C LEU A 65 -14.68 -14.27 -4.33
N ALA A 66 -13.87 -14.69 -5.31
CA ALA A 66 -13.77 -14.02 -6.61
C ALA A 66 -15.12 -14.12 -7.37
N ASN A 67 -15.79 -15.25 -7.21
CA ASN A 67 -17.16 -15.50 -7.73
C ASN A 67 -18.29 -15.18 -6.76
N SER A 68 -18.03 -14.27 -5.79
CA SER A 68 -18.98 -13.74 -4.83
C SER A 68 -20.20 -13.12 -5.55
N THR A 69 -21.38 -13.42 -5.03
CA THR A 69 -22.65 -12.81 -5.48
C THR A 69 -23.17 -11.99 -4.35
N ASP A 70 -23.98 -10.96 -4.63
CA ASP A 70 -24.61 -10.16 -3.58
C ASP A 70 -25.94 -10.81 -3.14
N GLY A 71 -26.74 -10.09 -2.34
CA GLY A 71 -28.08 -10.57 -1.88
C GLY A 71 -28.95 -11.19 -2.98
N ASN A 72 -29.21 -10.39 -4.01
CA ASN A 72 -29.95 -10.77 -5.22
C ASN A 72 -29.24 -11.79 -6.16
N GLY A 73 -28.11 -12.35 -5.76
CA GLY A 73 -27.43 -13.35 -6.62
C GLY A 73 -26.71 -12.83 -7.88
N ARG A 74 -26.37 -11.54 -7.90
CA ARG A 74 -25.63 -10.98 -9.04
C ARG A 74 -24.15 -10.97 -8.65
N TYR A 75 -23.27 -11.29 -9.58
CA TYR A 75 -21.81 -11.37 -9.25
C TYR A 75 -21.22 -9.97 -9.03
N ILE A 76 -20.46 -9.83 -7.95
CA ILE A 76 -19.94 -8.52 -7.53
C ILE A 76 -18.58 -8.13 -8.14
N PHE A 77 -17.85 -9.10 -8.67
CA PHE A 77 -16.55 -8.81 -9.29
C PHE A 77 -16.55 -9.02 -10.81
N ALA A 78 -17.69 -8.68 -11.42
CA ALA A 78 -17.82 -8.98 -12.86
C ALA A 78 -18.05 -7.72 -13.71
N GLY A 79 -17.82 -6.55 -13.13
CA GLY A 79 -18.12 -5.22 -13.79
C GLY A 79 -19.62 -5.21 -14.12
N TYR A 80 -20.01 -4.90 -15.37
CA TYR A 80 -21.48 -4.90 -15.66
C TYR A 80 -22.04 -6.30 -16.05
N LYS A 81 -21.17 -7.30 -16.09
CA LYS A 81 -21.57 -8.63 -16.65
C LYS A 81 -21.96 -9.46 -15.46
N THR A 82 -23.00 -9.02 -14.77
CA THR A 82 -23.28 -9.56 -13.45
C THR A 82 -24.09 -10.87 -13.45
N GLU A 83 -24.49 -11.31 -14.64
CA GLU A 83 -25.28 -12.53 -14.79
C GLU A 83 -24.52 -13.86 -14.98
N ALA A 84 -23.19 -13.83 -14.99
CA ALA A 84 -22.44 -15.09 -15.15
C ALA A 84 -21.22 -14.99 -14.25
N ALA A 85 -20.85 -16.14 -13.68
CA ALA A 85 -19.66 -16.08 -12.82
C ALA A 85 -18.44 -15.61 -13.61
N PRO A 86 -17.71 -14.60 -13.05
CA PRO A 86 -16.64 -13.97 -13.86
C PRO A 86 -15.33 -14.77 -14.00
N PHE A 87 -15.13 -15.77 -13.11
CA PHE A 87 -13.95 -16.53 -13.15
C PHE A 87 -14.22 -17.95 -13.55
N ASP A 88 -13.36 -18.42 -14.42
CA ASP A 88 -13.35 -19.85 -14.74
C ASP A 88 -12.71 -20.67 -13.56
N GLN A 89 -13.51 -21.55 -12.98
CA GLN A 89 -13.08 -22.38 -11.84
C GLN A 89 -11.66 -23.07 -12.04
N ALA A 90 -11.47 -23.72 -13.19
CA ALA A 90 -10.25 -24.50 -13.45
C ALA A 90 -9.00 -23.65 -13.62
N THR A 91 -9.09 -22.67 -14.50
CA THR A 91 -7.85 -21.96 -14.89
C THR A 91 -7.66 -20.67 -14.07
N GLY A 92 -8.71 -20.19 -13.41
CA GLY A 92 -8.70 -18.82 -12.78
C GLY A 92 -8.77 -17.64 -13.77
N GLY A 93 -8.93 -17.91 -15.09
CA GLY A 93 -9.05 -16.80 -16.05
C GLY A 93 -10.24 -15.92 -15.79
N TYR A 94 -10.07 -14.63 -16.07
CA TYR A 94 -11.21 -13.70 -15.92
C TYR A 94 -11.89 -13.45 -17.24
N HIS A 95 -13.20 -13.56 -17.26
CA HIS A 95 -13.94 -13.18 -18.46
C HIS A 95 -15.21 -12.34 -18.12
N GLY A 96 -15.17 -11.58 -17.03
CA GLY A 96 -16.26 -10.70 -16.64
C GLY A 96 -16.05 -9.38 -17.36
N GLY A 97 -16.82 -8.35 -16.98
CA GLY A 97 -16.74 -7.03 -17.63
C GLY A 97 -15.40 -6.37 -17.54
N GLU A 98 -15.00 -5.66 -18.59
CA GLU A 98 -13.72 -4.93 -18.51
C GLU A 98 -13.78 -3.49 -17.89
N LYS A 99 -14.98 -2.94 -17.81
CA LYS A 99 -15.23 -1.57 -17.32
C LYS A 99 -15.77 -1.65 -15.89
N SER A 100 -15.15 -0.90 -14.96
CA SER A 100 -15.66 -0.90 -13.60
C SER A 100 -17.03 -0.20 -13.47
N VAL A 101 -17.77 -0.57 -12.44
CA VAL A 101 -19.09 0.04 -12.20
C VAL A 101 -18.86 1.38 -11.46
N THR A 102 -19.44 2.45 -12.01
CA THR A 102 -19.26 3.75 -11.45
C THR A 102 -20.62 4.32 -11.05
N GLN A 103 -20.57 5.26 -10.10
CA GLN A 103 -21.83 5.91 -9.69
C GLN A 103 -21.53 7.34 -9.40
N GLN A 104 -22.26 8.23 -10.04
CA GLN A 104 -22.22 9.65 -9.63
C GLN A 104 -22.94 9.90 -8.30
N VAL A 105 -22.24 10.54 -7.37
CA VAL A 105 -22.77 10.75 -6.01
C VAL A 105 -22.93 12.23 -5.60
N ASP A 106 -22.47 13.13 -6.44
CA ASP A 106 -22.60 14.57 -6.11
C ASP A 106 -22.70 15.25 -7.45
N SER A 107 -22.91 16.58 -7.51
CA SER A 107 -22.83 17.28 -8.83
C SER A 107 -21.45 17.11 -9.52
N ALA A 108 -20.38 16.91 -8.77
CA ALA A 108 -19.11 16.79 -9.41
C ALA A 108 -18.39 15.45 -9.29
N ILE A 109 -18.79 14.55 -8.37
CA ILE A 109 -18.06 13.36 -8.00
C ILE A 109 -18.71 12.07 -8.51
N THR A 110 -17.90 11.22 -9.12
CA THR A 110 -18.34 9.89 -9.57
C THR A 110 -17.32 8.90 -8.95
N LEU A 111 -17.84 7.86 -8.33
CA LEU A 111 -16.96 6.83 -7.69
C LEU A 111 -17.01 5.50 -8.42
N GLU A 112 -15.86 4.81 -8.36
CA GLU A 112 -15.73 3.48 -8.90
C GLU A 112 -16.15 2.53 -7.83
N ILE A 113 -17.44 2.25 -7.75
CA ILE A 113 -18.04 1.45 -6.70
C ILE A 113 -18.05 -0.07 -6.90
N GLY A 114 -17.69 -0.54 -8.09
CA GLY A 114 -17.61 -1.99 -8.34
C GLY A 114 -16.32 -2.21 -9.13
N HIS A 115 -15.28 -2.72 -8.47
CA HIS A 115 -14.09 -3.03 -9.20
C HIS A 115 -14.26 -4.30 -9.96
N THR A 116 -13.65 -4.39 -11.14
CA THR A 116 -13.73 -5.65 -11.90
C THR A 116 -12.93 -6.73 -11.20
N GLY A 117 -13.23 -8.00 -11.50
CA GLY A 117 -12.34 -9.06 -11.04
C GLY A 117 -10.94 -8.93 -11.60
N ALA A 118 -10.79 -8.35 -12.78
CA ALA A 118 -9.41 -8.17 -13.32
C ALA A 118 -8.61 -7.23 -12.43
N GLN A 119 -9.25 -6.14 -12.01
CA GLN A 119 -8.62 -5.15 -11.12
C GLN A 119 -8.21 -5.77 -9.80
N ILE A 120 -8.91 -6.80 -9.35
CA ILE A 120 -8.67 -7.31 -7.97
C ILE A 120 -7.78 -8.55 -7.99
N PHE A 121 -8.07 -9.53 -8.88
CA PHE A 121 -7.42 -10.86 -8.90
C PHE A 121 -6.48 -11.09 -10.07
N ASN A 122 -6.46 -10.16 -11.05
CA ASN A 122 -5.54 -10.28 -12.16
C ASN A 122 -4.77 -8.96 -12.37
N SER A 123 -4.49 -8.26 -11.27
CA SER A 123 -3.65 -7.06 -11.27
C SER A 123 -2.70 -7.13 -10.08
N ILE A 124 -1.56 -6.50 -10.26
CA ILE A 124 -0.58 -6.43 -9.14
C ILE A 124 -0.29 -4.95 -8.87
N CYS A 125 0.29 -4.69 -7.71
CA CYS A 125 0.51 -3.33 -7.23
CA CYS A 125 0.46 -3.30 -7.27
C CYS A 125 1.50 -2.64 -8.20
N GLU A 126 1.32 -1.34 -8.40
CA GLU A 126 2.27 -0.41 -9.05
C GLU A 126 3.69 -0.64 -8.47
N CYS A 127 3.72 -1.04 -7.23
CA CYS A 127 4.91 -1.12 -6.42
C CYS A 127 5.48 -2.54 -6.53
N ALA A 128 5.09 -3.30 -7.56
CA ALA A 128 5.50 -4.73 -7.67
C ALA A 128 6.99 -5.05 -7.57
N VAL A 129 7.30 -6.09 -6.79
CA VAL A 129 8.66 -6.67 -6.78
C VAL A 129 8.88 -7.46 -8.11
N PRO A 130 9.98 -7.17 -8.81
CA PRO A 130 10.24 -7.74 -10.18
C PRO A 130 10.74 -9.17 -10.15
N GLU A 131 10.64 -9.88 -11.28
CA GLU A 131 11.24 -11.20 -11.38
C GLU A 131 12.77 -10.97 -11.44
N PRO A 132 13.56 -11.86 -10.83
CA PRO A 132 15.03 -11.66 -10.85
C PRO A 132 15.69 -11.66 -12.24
N ASP A 133 15.06 -12.30 -13.22
CA ASP A 133 15.63 -12.37 -14.56
C ASP A 133 15.11 -11.28 -15.49
N GLY A 134 14.19 -10.45 -15.00
CA GLY A 134 13.58 -9.42 -15.84
C GLY A 134 12.39 -9.87 -16.63
N SER A 135 11.98 -11.13 -16.46
CA SER A 135 10.76 -11.58 -17.16
C SER A 135 9.50 -10.99 -16.53
N ASP A 136 8.37 -11.07 -17.23
CA ASP A 136 7.11 -10.54 -16.70
C ASP A 136 6.70 -11.10 -15.32
N SER A 137 6.26 -10.21 -14.42
CA SER A 137 5.56 -10.58 -13.19
C SER A 137 4.22 -11.22 -13.54
N GLU A 138 3.92 -12.32 -12.87
CA GLU A 138 2.62 -12.97 -13.01
C GLU A 138 1.56 -12.06 -12.39
N LYS A 139 0.39 -11.95 -13.03
CA LYS A 139 -0.65 -11.03 -12.57
C LYS A 139 -1.87 -11.76 -11.96
N ASN A 140 -2.01 -13.06 -12.21
CA ASN A 140 -3.25 -13.76 -11.90
C ASN A 140 -3.01 -14.56 -10.61
N LEU A 141 -3.78 -14.22 -9.55
CA LEU A 141 -3.64 -14.85 -8.20
C LEU A 141 -3.76 -16.39 -8.31
N PHE A 142 -4.72 -16.81 -9.12
CA PHE A 142 -5.01 -18.25 -9.19
C PHE A 142 -3.91 -19.03 -9.85
N VAL A 143 -3.25 -18.41 -10.84
CA VAL A 143 -2.03 -18.95 -11.45
C VAL A 143 -0.88 -19.05 -10.43
N MET A 144 -0.72 -17.98 -9.65
CA MET A 144 0.35 -18.05 -8.63
C MET A 144 0.17 -19.29 -7.75
N LEU A 145 -1.08 -19.53 -7.33
CA LEU A 145 -1.43 -20.58 -6.38
C LEU A 145 -1.33 -21.93 -7.03
N ASP A 146 -1.87 -22.02 -8.25
CA ASP A 146 -1.95 -23.32 -8.90
C ASP A 146 -0.55 -23.84 -9.27
N THR A 147 0.34 -22.92 -9.67
CA THR A 147 1.66 -23.32 -10.05
C THR A 147 2.39 -23.77 -8.79
N ALA A 148 2.21 -23.08 -7.67
CA ALA A 148 2.81 -23.61 -6.41
C ALA A 148 2.28 -24.99 -6.05
N ILE A 149 0.94 -25.16 -6.14
CA ILE A 149 0.28 -26.40 -5.69
C ILE A 149 0.84 -27.60 -6.53
N ALA A 150 1.01 -27.37 -7.84
CA ALA A 150 1.55 -28.39 -8.76
C ALA A 150 2.99 -28.70 -8.42
N ALA A 151 3.78 -27.66 -8.10
CA ALA A 151 5.22 -27.86 -7.79
C ALA A 151 5.34 -28.65 -6.43
N LEU A 152 4.44 -28.37 -5.48
CA LEU A 152 4.46 -29.09 -4.13
C LEU A 152 4.01 -30.56 -4.20
N LYS A 153 3.15 -30.85 -5.17
CA LYS A 153 2.76 -32.27 -5.41
C LYS A 153 3.74 -33.04 -6.32
N THR A 154 4.75 -32.37 -6.87
CA THR A 154 5.77 -33.03 -7.66
C THR A 154 6.89 -33.50 -6.69
N PRO A 155 7.05 -34.83 -6.46
CA PRO A 155 8.11 -35.25 -5.50
C PRO A 155 9.48 -34.86 -6.05
N VAL A 156 10.41 -34.51 -5.18
CA VAL A 156 11.69 -34.01 -5.60
C VAL A 156 12.84 -34.75 -4.89
N GLU A 157 12.55 -35.60 -3.92
CA GLU A 157 13.64 -36.28 -3.16
C GLU A 157 14.73 -36.89 -4.02
N GLY A 158 15.98 -36.54 -3.73
CA GLY A 158 17.16 -37.10 -4.39
C GLY A 158 17.46 -36.63 -5.79
N ASN A 159 16.68 -35.67 -6.30
CA ASN A 159 16.78 -35.17 -7.67
C ASN A 159 17.00 -33.63 -7.70
N ASN A 160 18.24 -33.21 -7.56
CA ASN A 160 18.56 -31.76 -7.60
C ASN A 160 17.96 -30.92 -8.72
N VAL A 161 17.84 -31.47 -9.92
CA VAL A 161 17.28 -30.66 -11.02
C VAL A 161 15.79 -30.30 -10.74
N GLU A 162 15.01 -31.28 -10.26
CA GLU A 162 13.61 -31.05 -9.92
C GLU A 162 13.42 -30.21 -8.68
N LYS A 163 14.37 -30.33 -7.73
CA LYS A 163 14.29 -29.68 -6.45
C LYS A 163 14.42 -28.19 -6.69
N GLU A 164 15.40 -27.80 -7.53
CA GLU A 164 15.65 -26.39 -7.91
C GLU A 164 14.50 -25.81 -8.73
N LYS A 165 13.93 -26.61 -9.62
CA LYS A 165 12.77 -26.25 -10.44
C LYS A 165 11.53 -25.94 -9.55
N ALA A 166 11.21 -26.86 -8.66
CA ALA A 166 10.09 -26.70 -7.74
C ALA A 166 10.33 -25.50 -6.79
N ALA A 167 11.55 -25.33 -6.26
CA ALA A 167 11.88 -24.18 -5.38
C ALA A 167 11.82 -22.87 -6.15
N ALA A 168 12.14 -22.87 -7.45
CA ALA A 168 12.03 -21.61 -8.27
C ALA A 168 10.55 -21.22 -8.43
N ALA A 169 9.67 -22.21 -8.55
CA ALA A 169 8.23 -21.90 -8.74
C ALA A 169 7.66 -21.38 -7.40
N ILE A 170 8.05 -21.99 -6.30
CA ILE A 170 7.65 -21.50 -4.98
C ILE A 170 8.15 -20.07 -4.70
N ASP A 171 9.40 -19.78 -4.99
CA ASP A 171 9.92 -18.38 -4.91
C ASP A 171 9.12 -17.43 -5.75
N LYS A 172 8.78 -17.82 -6.97
CA LYS A 172 8.01 -16.95 -7.87
C LYS A 172 6.60 -16.69 -7.29
N THR A 173 5.99 -17.74 -6.76
CA THR A 173 4.69 -17.60 -6.03
C THR A 173 4.82 -16.69 -4.78
N ASN A 174 5.92 -16.82 -4.02
CA ASN A 174 6.14 -15.93 -2.87
C ASN A 174 6.15 -14.46 -3.36
N ARG A 175 6.87 -14.14 -4.43
CA ARG A 175 6.79 -12.79 -5.03
C ARG A 175 5.38 -12.39 -5.52
N GLY A 176 4.70 -13.26 -6.26
CA GLY A 176 3.35 -12.92 -6.69
C GLY A 176 2.37 -12.62 -5.57
N LEU A 177 2.42 -13.42 -4.51
CA LEU A 177 1.43 -13.26 -3.47
C LEU A 177 1.66 -11.91 -2.77
N LYS A 178 2.93 -11.50 -2.56
CA LYS A 178 3.19 -10.10 -2.14
C LYS A 178 2.51 -9.07 -3.05
N ASN A 179 2.75 -9.24 -4.36
CA ASN A 179 2.32 -8.31 -5.39
C ASN A 179 0.80 -8.22 -5.47
N SER A 180 0.15 -9.36 -5.27
CA SER A 180 -1.26 -9.44 -5.27
C SER A 180 -1.86 -8.88 -3.97
N LEU A 181 -1.31 -9.23 -2.79
CA LEU A 181 -1.79 -8.70 -1.52
C LEU A 181 -1.75 -7.15 -1.55
N HIS A 182 -0.61 -6.64 -2.02
CA HIS A 182 -0.43 -5.17 -2.08
C HIS A 182 -1.45 -4.50 -3.04
N ASN A 183 -1.79 -5.13 -4.14
CA ASN A 183 -2.85 -4.62 -4.94
C ASN A 183 -4.19 -4.54 -4.19
N VAL A 184 -4.59 -5.61 -3.51
CA VAL A 184 -5.88 -5.68 -2.77
C VAL A 184 -5.86 -4.56 -1.68
N LEU A 185 -4.74 -4.40 -0.95
CA LEU A 185 -4.65 -3.41 0.08
C LEU A 185 -4.80 -1.99 -0.47
N GLU A 186 -4.27 -1.75 -1.65
CA GLU A 186 -4.41 -0.42 -2.24
C GLU A 186 -5.87 -0.18 -2.66
N VAL A 187 -6.50 -1.22 -3.18
CA VAL A 187 -7.96 -1.07 -3.47
C VAL A 187 -8.74 -0.81 -2.21
N ARG A 188 -8.41 -1.47 -1.11
CA ARG A 188 -9.10 -1.27 0.14
C ARG A 188 -8.89 0.21 0.63
N TRP A 189 -7.67 0.73 0.48
CA TRP A 189 -7.44 2.16 0.79
C TRP A 189 -8.40 3.04 0.00
N GLU A 190 -8.61 2.72 -1.28
CA GLU A 190 -9.49 3.53 -2.06
C GLU A 190 -10.96 3.50 -1.55
N LEU A 191 -11.46 2.30 -1.26
CA LEU A 191 -12.81 2.06 -0.64
C LEU A 191 -12.92 2.79 0.71
N GLU A 192 -11.88 2.71 1.56
CA GLU A 192 -11.90 3.45 2.85
C GLU A 192 -12.12 4.94 2.61
N TRP A 193 -11.37 5.53 1.66
CA TRP A 193 -11.56 6.93 1.21
C TRP A 193 -13.04 7.20 0.72
N PHE A 194 -13.59 6.33 -0.08
CA PHE A 194 -14.95 6.51 -0.64
C PHE A 194 -15.94 6.53 0.47
N LEU A 195 -15.79 5.65 1.47
CA LEU A 195 -16.70 5.63 2.58
C LEU A 195 -16.56 6.85 3.47
N GLU A 196 -15.33 7.36 3.63
CA GLU A 196 -15.20 8.71 4.27
C GLU A 196 -15.92 9.82 3.48
N LEU A 197 -15.77 9.87 2.16
CA LEU A 197 -16.41 10.89 1.33
C LEU A 197 -17.90 10.83 1.45
N LEU A 198 -18.38 9.59 1.49
CA LEU A 198 -19.85 9.32 1.45
C LEU A 198 -20.47 9.64 2.78
N SER A 199 -19.76 9.38 3.86
CA SER A 199 -20.33 9.58 5.14
C SER A 199 -20.27 11.06 5.58
N ALA A 200 -19.34 11.83 5.03
CA ALA A 200 -19.31 13.29 5.18
C ALA A 200 -20.53 13.94 4.50
N LYS A 201 -21.35 13.10 3.82
CA LYS A 201 -22.56 13.40 3.00
C LYS A 201 -22.22 14.14 1.68
N GLN B 2 33.51 -8.89 -1.99
CA GLN B 2 32.68 -9.85 -1.16
C GLN B 2 31.19 -9.53 -1.17
N TYR B 3 30.40 -10.42 -1.84
CA TYR B 3 28.93 -10.38 -1.73
C TYR B 3 28.44 -10.61 -0.31
N ALA B 4 29.06 -11.55 0.41
CA ALA B 4 28.76 -11.78 1.82
C ALA B 4 28.80 -10.49 2.62
N LEU B 5 29.92 -9.75 2.50
CA LEU B 5 30.08 -8.49 3.21
C LEU B 5 29.11 -7.42 2.69
N ALA B 6 28.87 -7.38 1.38
CA ALA B 6 27.93 -6.43 0.83
C ALA B 6 26.51 -6.75 1.40
N ARG B 7 26.15 -8.02 1.55
CA ARG B 7 24.84 -8.41 2.15
C ARG B 7 24.68 -7.96 3.62
N THR B 8 25.72 -8.12 4.44
CA THR B 8 25.69 -7.64 5.82
C THR B 8 25.48 -6.13 5.89
N PHE B 9 26.27 -5.43 5.11
CA PHE B 9 26.20 -4.01 4.98
C PHE B 9 24.79 -3.59 4.52
N ALA B 10 24.29 -4.24 3.48
CA ALA B 10 22.95 -3.87 2.96
C ALA B 10 21.91 -4.11 4.06
N THR B 11 22.02 -5.25 4.77
CA THR B 11 21.06 -5.58 5.87
C THR B 11 21.06 -4.55 6.96
N GLN B 12 22.26 -4.15 7.40
CA GLN B 12 22.36 -3.06 8.39
C GLN B 12 21.66 -1.74 7.94
N LYS B 13 21.91 -1.31 6.71
CA LYS B 13 21.38 -0.07 6.23
C LYS B 13 19.83 -0.19 6.09
N VAL B 14 19.38 -1.32 5.55
CA VAL B 14 17.92 -1.50 5.32
C VAL B 14 17.20 -1.53 6.69
N SER B 15 17.74 -2.29 7.63
CA SER B 15 17.18 -2.32 8.97
C SER B 15 17.06 -0.96 9.64
N LEU B 16 18.13 -0.16 9.49
CA LEU B 16 18.10 1.17 10.03
C LEU B 16 16.93 1.97 9.40
N GLU B 17 16.87 1.96 8.09
CA GLU B 17 15.85 2.71 7.38
C GLU B 17 14.46 2.27 7.84
N GLU B 18 14.21 0.96 7.93
CA GLU B 18 12.92 0.45 8.36
C GLU B 18 12.61 0.92 9.80
N SER B 19 13.63 0.93 10.65
CA SER B 19 13.38 1.42 12.01
C SER B 19 12.95 2.93 12.11
N VAL B 20 13.57 3.77 11.27
CA VAL B 20 13.18 5.17 11.17
C VAL B 20 11.81 5.29 10.46
N LEU B 21 11.61 4.56 9.38
CA LEU B 21 10.32 4.72 8.63
C LEU B 21 9.12 4.22 9.44
N SER B 22 9.35 3.29 10.34
CA SER B 22 8.28 2.88 11.27
C SER B 22 7.90 4.05 12.21
N GLN B 23 8.89 4.78 12.68
CA GLN B 23 8.68 6.00 13.55
C GLN B 23 7.98 7.06 12.68
N VAL B 24 8.38 7.17 11.41
CA VAL B 24 7.71 8.15 10.46
C VAL B 24 6.19 7.73 10.30
N THR B 25 5.92 6.45 10.10
CA THR B 25 4.55 5.95 9.93
C THR B 25 3.65 6.31 11.13
N THR B 26 4.17 6.01 12.31
CA THR B 26 3.44 6.27 13.54
C THR B 26 3.13 7.78 13.70
N ALA B 27 4.15 8.60 13.46
CA ALA B 27 3.95 10.05 13.49
C ALA B 27 2.86 10.52 12.52
N ILE B 28 2.90 10.02 11.27
CA ILE B 28 1.94 10.47 10.25
C ILE B 28 0.55 10.06 10.72
N GLN B 29 0.44 8.84 11.25
CA GLN B 29 -0.87 8.34 11.77
C GLN B 29 -1.39 9.17 12.98
N THR B 30 -0.51 9.64 13.84
CA THR B 30 -0.90 10.57 14.90
C THR B 30 -1.36 11.89 14.32
N ALA B 31 -0.60 12.44 13.36
CA ALA B 31 -1.02 13.69 12.70
C ALA B 31 -2.40 13.49 12.03
N GLN B 32 -2.66 12.30 11.51
CA GLN B 32 -3.97 12.07 10.85
C GLN B 32 -5.10 12.12 11.80
N GLU B 33 -4.87 11.58 13.01
CA GLU B 33 -5.89 11.56 14.00
C GLU B 33 -6.17 13.00 14.53
N LYS B 34 -5.13 13.81 14.69
CA LYS B 34 -5.33 15.19 15.06
C LYS B 34 -6.16 15.90 13.96
N ILE B 35 -5.88 15.61 12.71
CA ILE B 35 -6.62 16.25 11.59
C ILE B 35 -8.07 15.80 11.57
N VAL B 36 -8.34 14.51 11.87
CA VAL B 36 -9.76 14.09 12.03
C VAL B 36 -10.42 14.95 13.14
N TYR B 37 -9.79 15.04 14.30
CA TYR B 37 -10.41 15.84 15.37
C TYR B 37 -10.60 17.27 14.90
N ALA B 38 -9.65 17.80 14.09
CA ALA B 38 -9.74 19.19 13.62
C ALA B 38 -10.91 19.41 12.69
N GLY B 39 -11.46 18.36 12.09
CA GLY B 39 -12.51 18.51 11.09
C GLY B 39 -13.86 18.64 11.75
N ASN B 40 -13.91 18.53 13.08
CA ASN B 40 -15.11 18.83 13.87
C ASN B 40 -15.44 20.33 13.89
N GLY B 41 -16.59 20.69 13.30
CA GLY B 41 -16.97 22.10 13.12
C GLY B 41 -17.55 22.73 14.38
N THR B 42 -17.58 21.99 15.49
CA THR B 42 -17.99 22.62 16.75
C THR B 42 -16.83 23.13 17.64
N LEU B 43 -15.57 23.07 17.17
CA LEU B 43 -14.43 23.43 18.05
C LEU B 43 -14.23 24.93 18.28
N SER B 44 -13.91 25.27 19.51
CA SER B 44 -13.64 26.65 19.87
C SER B 44 -12.30 27.05 19.27
N ASP B 45 -12.03 28.34 19.18
CA ASP B 45 -10.73 28.78 18.67
C ASP B 45 -9.63 28.37 19.58
N ASP B 46 -9.86 28.35 20.90
CA ASP B 46 -8.83 27.80 21.83
C ASP B 46 -8.58 26.31 21.65
N ASP B 47 -9.61 25.55 21.30
CA ASP B 47 -9.41 24.12 21.11
C ASP B 47 -8.68 23.90 19.76
N ARG B 48 -8.96 24.78 18.77
CA ARG B 48 -8.28 24.66 17.45
C ARG B 48 -6.79 25.00 17.59
N ALA B 49 -6.49 26.09 18.28
CA ALA B 49 -5.10 26.45 18.54
C ALA B 49 -4.33 25.37 19.28
N SER B 50 -4.95 24.68 20.27
CA SER B 50 -4.35 23.48 20.92
C SER B 50 -4.02 22.31 19.98
N LEU B 51 -4.96 21.96 19.10
CA LEU B 51 -4.67 20.97 18.04
C LEU B 51 -3.49 21.46 17.18
N ALA B 52 -3.37 22.76 16.91
CA ALA B 52 -2.23 23.28 16.12
C ALA B 52 -0.88 22.99 16.76
N THR B 53 -0.81 23.23 18.07
CA THR B 53 0.35 23.00 18.89
C THR B 53 0.74 21.52 18.94
N ASP B 54 -0.22 20.64 19.15
CA ASP B 54 -0.01 19.19 18.97
C ASP B 54 0.58 18.84 17.63
N LEU B 55 -0.02 19.34 16.52
CA LEU B 55 0.46 19.08 15.15
C LEU B 55 1.87 19.61 14.98
N GLN B 56 2.17 20.80 15.58
CA GLN B 56 3.50 21.31 15.53
C GLN B 56 4.50 20.39 16.16
N GLY B 57 4.17 19.78 17.30
CA GLY B 57 5.05 18.80 17.95
C GLY B 57 5.29 17.64 17.02
N ILE B 58 4.25 17.18 16.28
CA ILE B 58 4.44 16.02 15.42
C ILE B 58 5.29 16.41 14.14
N ARG B 59 5.04 17.60 13.55
CA ARG B 59 5.85 18.11 12.40
C ARG B 59 7.31 18.22 12.89
N ASP B 60 7.52 18.71 14.13
CA ASP B 60 8.93 18.81 14.67
C ASP B 60 9.57 17.45 14.72
N GLN B 61 8.84 16.45 15.17
CA GLN B 61 9.35 15.12 15.30
C GLN B 61 9.68 14.55 13.91
N LEU B 62 8.78 14.81 12.97
CA LEU B 62 8.98 14.29 11.58
C LEU B 62 10.22 14.97 10.98
N MET B 63 10.45 16.26 11.26
CA MET B 63 11.67 16.92 10.79
C MET B 63 12.92 16.33 11.38
N ASN B 64 12.90 15.99 12.66
CA ASN B 64 14.07 15.33 13.24
C ASN B 64 14.33 13.94 12.60
N LEU B 65 13.23 13.24 12.29
CA LEU B 65 13.34 11.93 11.66
C LEU B 65 13.83 12.09 10.22
N ALA B 66 13.37 13.13 9.49
CA ALA B 66 13.78 13.38 8.06
C ALA B 66 15.29 13.73 7.97
N ASN B 67 15.77 14.44 8.97
CA ASN B 67 17.22 14.72 9.15
C ASN B 67 17.93 13.72 10.10
N SER B 68 17.47 12.46 10.16
CA SER B 68 18.15 11.39 10.98
C SER B 68 19.60 11.12 10.49
N THR B 69 20.51 10.84 11.39
CA THR B 69 21.86 10.43 10.96
C THR B 69 22.11 8.98 11.39
N ASP B 70 23.10 8.27 10.81
CA ASP B 70 23.42 6.93 11.34
C ASP B 70 24.45 7.07 12.49
N GLY B 71 25.01 5.94 12.94
CA GLY B 71 25.97 5.91 14.06
C GLY B 71 27.24 6.69 13.78
N ASN B 72 27.54 6.95 12.50
CA ASN B 72 28.74 7.72 12.14
C ASN B 72 28.48 9.14 11.72
N GLY B 73 27.28 9.66 11.99
CA GLY B 73 26.98 11.05 11.68
C GLY B 73 26.54 11.33 10.25
N ARG B 74 26.35 10.30 9.42
CA ARG B 74 25.98 10.59 8.03
C ARG B 74 24.45 10.66 7.95
N TYR B 75 23.96 11.60 7.13
CA TYR B 75 22.48 11.72 7.00
C TYR B 75 21.91 10.56 6.18
N ILE B 76 20.76 10.00 6.62
CA ILE B 76 20.34 8.74 5.97
C ILE B 76 19.32 8.94 4.84
N PHE B 77 18.71 10.14 4.80
CA PHE B 77 17.72 10.47 3.75
C PHE B 77 18.28 11.57 2.83
N ALA B 78 19.59 11.52 2.60
CA ALA B 78 20.16 12.55 1.76
C ALA B 78 20.77 11.95 0.42
N GLY B 79 20.42 10.72 0.08
CA GLY B 79 21.09 9.95 -1.03
C GLY B 79 22.58 9.93 -0.67
N TYR B 80 23.42 10.24 -1.64
CA TYR B 80 24.87 10.24 -1.47
C TYR B 80 25.42 11.54 -0.90
N LYS B 81 24.59 12.57 -0.81
CA LYS B 81 24.98 13.90 -0.24
C LYS B 81 24.91 13.93 1.31
N THR B 82 25.74 13.12 1.95
CA THR B 82 25.47 12.65 3.34
C THR B 82 26.09 13.55 4.40
N GLU B 83 26.78 14.59 3.96
CA GLU B 83 27.56 15.50 4.83
C GLU B 83 26.71 16.69 5.42
N ALA B 84 25.51 16.91 4.89
CA ALA B 84 24.67 18.02 5.36
C ALA B 84 23.23 17.56 5.50
N ALA B 85 22.53 18.20 6.42
CA ALA B 85 21.13 17.87 6.66
C ALA B 85 20.38 18.08 5.35
N PRO B 86 19.59 17.07 4.94
CA PRO B 86 18.85 17.25 3.69
C PRO B 86 17.61 18.15 3.65
N PHE B 87 17.01 18.45 4.81
CA PHE B 87 15.82 19.28 4.78
C PHE B 87 16.01 20.58 5.53
N ASP B 88 15.55 21.69 4.96
CA ASP B 88 15.61 22.87 5.84
C ASP B 88 14.38 22.92 6.80
N GLN B 89 14.72 23.36 7.97
CA GLN B 89 13.80 23.39 9.05
C GLN B 89 12.57 24.24 8.73
N ALA B 90 12.81 25.43 8.16
CA ALA B 90 11.74 26.41 7.96
C ALA B 90 10.67 25.94 6.96
N THR B 91 11.09 25.43 5.81
CA THR B 91 10.11 25.22 4.76
C THR B 91 9.86 23.72 4.57
N GLY B 92 10.72 22.87 5.08
CA GLY B 92 10.71 21.41 4.66
C GLY B 92 11.14 21.04 3.24
N GLY B 93 11.79 22.00 2.54
CA GLY B 93 12.42 21.77 1.24
C GLY B 93 13.47 20.70 1.36
N TYR B 94 13.56 19.84 0.34
CA TYR B 94 14.63 18.85 0.33
C TYR B 94 15.82 19.39 -0.53
N HIS B 95 17.06 19.30 -0.06
CA HIS B 95 18.30 19.75 -0.79
C HIS B 95 19.34 18.65 -0.79
N GLY B 96 18.98 17.40 -0.41
CA GLY B 96 19.93 16.28 -0.45
C GLY B 96 20.12 15.77 -1.90
N GLY B 97 20.84 14.67 -2.04
CA GLY B 97 21.02 14.15 -3.48
C GLY B 97 19.76 13.61 -4.11
N GLU B 98 19.70 13.61 -5.44
CA GLU B 98 18.48 13.11 -6.12
C GLU B 98 18.55 11.62 -6.44
N LYS B 99 19.76 11.07 -6.47
CA LYS B 99 19.86 9.64 -6.73
C LYS B 99 19.79 8.80 -5.44
N SER B 100 19.03 7.68 -5.44
CA SER B 100 19.02 6.82 -4.23
C SER B 100 20.28 6.03 -4.13
N VAL B 101 20.62 5.59 -2.93
CA VAL B 101 21.89 4.83 -2.69
C VAL B 101 21.55 3.37 -3.05
N THR B 102 22.37 2.77 -3.91
CA THR B 102 22.19 1.32 -4.22
C THR B 102 23.38 0.47 -3.83
N GLN B 103 23.14 -0.82 -3.71
CA GLN B 103 24.23 -1.72 -3.35
C GLN B 103 24.01 -3.00 -4.12
N GLN B 104 25.02 -3.40 -4.86
CA GLN B 104 24.98 -4.71 -5.55
C GLN B 104 25.16 -5.79 -4.49
N VAL B 105 24.27 -6.76 -4.48
CA VAL B 105 24.35 -7.87 -3.48
C VAL B 105 24.44 -9.28 -4.09
N ASP B 106 24.40 -9.35 -5.41
CA ASP B 106 24.64 -10.61 -6.16
C ASP B 106 25.10 -10.23 -7.55
N SER B 107 25.43 -11.22 -8.41
CA SER B 107 25.76 -10.99 -9.85
C SER B 107 24.77 -10.13 -10.62
N ALA B 108 23.47 -10.33 -10.40
CA ALA B 108 22.45 -9.49 -11.09
C ALA B 108 21.41 -8.89 -10.15
N ILE B 109 21.77 -8.70 -8.88
CA ILE B 109 20.87 -8.10 -7.88
C ILE B 109 21.49 -6.83 -7.25
N THR B 110 20.81 -5.70 -7.45
CA THR B 110 21.23 -4.43 -6.88
C THR B 110 20.03 -3.85 -6.12
N LEU B 111 20.18 -3.54 -4.83
CA LEU B 111 19.05 -3.02 -4.08
C LEU B 111 19.26 -1.56 -3.79
N GLU B 112 18.14 -0.83 -3.79
CA GLU B 112 18.02 0.56 -3.30
C GLU B 112 17.93 0.64 -1.83
N ILE B 113 19.08 0.50 -1.21
CA ILE B 113 19.25 0.55 0.23
C ILE B 113 19.20 1.93 0.99
N GLY B 114 19.20 3.05 0.28
CA GLY B 114 19.08 4.37 0.89
C GLY B 114 18.10 5.20 0.01
N HIS B 115 16.83 5.32 0.41
CA HIS B 115 15.92 6.20 -0.30
C HIS B 115 16.20 7.64 0.02
N THR B 116 16.03 8.49 -0.98
CA THR B 116 16.15 9.95 -0.72
C THR B 116 15.05 10.53 0.15
N GLY B 117 15.36 11.65 0.83
CA GLY B 117 14.29 12.44 1.49
C GLY B 117 13.15 12.79 0.54
N ALA B 118 13.50 13.08 -0.71
CA ALA B 118 12.51 13.33 -1.71
C ALA B 118 11.54 12.14 -1.85
N GLN B 119 12.09 10.90 -1.90
CA GLN B 119 11.28 9.70 -2.10
C GLN B 119 10.36 9.44 -0.94
N ILE B 120 10.81 9.86 0.27
CA ILE B 120 10.05 9.57 1.49
C ILE B 120 9.09 10.69 1.88
N PHE B 121 9.59 11.94 1.93
CA PHE B 121 8.80 13.05 2.49
C PHE B 121 8.29 14.06 1.42
N ASN B 122 8.63 13.84 0.15
CA ASN B 122 8.19 14.76 -0.92
C ASN B 122 7.66 13.98 -2.14
N SER B 123 7.12 12.82 -1.87
CA SER B 123 6.45 11.98 -2.85
C SER B 123 5.16 11.43 -2.24
N ILE B 124 4.18 11.23 -3.08
CA ILE B 124 2.96 10.63 -2.61
C ILE B 124 2.79 9.33 -3.38
N CYS B 125 1.89 8.49 -2.87
CA CYS B 125 1.71 7.17 -3.51
CA CYS B 125 1.60 7.17 -3.47
C CYS B 125 1.13 7.34 -4.92
N GLU B 126 1.50 6.44 -5.81
CA GLU B 126 0.91 6.45 -7.19
C GLU B 126 -0.62 6.24 -7.11
N CYS B 127 -1.07 5.57 -6.07
CA CYS B 127 -2.48 5.42 -5.72
C CYS B 127 -3.16 6.69 -5.09
N ALA B 128 -2.66 7.90 -5.33
CA ALA B 128 -3.12 9.08 -4.51
C ALA B 128 -4.55 9.50 -4.76
N VAL B 129 -5.18 10.00 -3.70
CA VAL B 129 -6.56 10.49 -3.81
C VAL B 129 -6.38 11.91 -4.36
N PRO B 130 -7.19 12.29 -5.41
CA PRO B 130 -7.03 13.65 -6.02
C PRO B 130 -7.71 14.76 -5.22
N GLU B 131 -7.32 16.00 -5.53
CA GLU B 131 -7.97 17.19 -4.99
C GLU B 131 -9.35 17.26 -5.68
N PRO B 132 -10.40 17.67 -4.94
CA PRO B 132 -11.74 17.69 -5.60
C PRO B 132 -11.85 18.61 -6.82
N ASP B 133 -11.10 19.71 -6.87
CA ASP B 133 -11.15 20.58 -8.06
C ASP B 133 -10.17 20.17 -9.20
N GLY B 134 -9.59 18.97 -9.13
CA GLY B 134 -8.47 18.54 -10.02
C GLY B 134 -7.15 19.29 -10.01
N SER B 135 -6.96 20.27 -9.12
CA SER B 135 -5.63 20.94 -8.97
C SER B 135 -4.58 19.97 -8.39
N ASP B 136 -3.31 20.35 -8.43
CA ASP B 136 -2.19 19.46 -8.10
C ASP B 136 -2.25 18.99 -6.63
N SER B 137 -2.04 17.69 -6.43
CA SER B 137 -1.94 17.12 -5.08
C SER B 137 -0.69 17.65 -4.41
N GLU B 138 -0.74 18.04 -3.13
CA GLU B 138 0.47 18.43 -2.44
C GLU B 138 1.39 17.20 -2.26
N LYS B 139 2.71 17.38 -2.38
CA LYS B 139 3.56 16.21 -2.27
C LYS B 139 4.47 16.30 -1.05
N ASN B 140 4.59 17.47 -0.44
CA ASN B 140 5.58 17.67 0.59
C ASN B 140 4.89 17.57 1.93
N LEU B 141 5.31 16.56 2.73
CA LEU B 141 4.64 16.32 4.04
C LEU B 141 4.66 17.53 4.99
N PHE B 142 5.81 18.19 5.08
CA PHE B 142 5.95 19.41 5.82
C PHE B 142 5.00 20.54 5.45
N VAL B 143 4.77 20.74 4.15
CA VAL B 143 3.79 21.72 3.65
C VAL B 143 2.38 21.32 4.07
N MET B 144 2.05 20.02 3.98
CA MET B 144 0.72 19.57 4.46
C MET B 144 0.47 19.94 5.94
N LEU B 145 1.49 19.69 6.77
CA LEU B 145 1.38 19.96 8.21
C LEU B 145 1.35 21.46 8.45
N ASP B 146 2.27 22.21 7.80
CA ASP B 146 2.46 23.64 8.15
C ASP B 146 1.20 24.42 7.75
N THR B 147 0.57 23.96 6.69
CA THR B 147 -0.58 24.71 6.22
C THR B 147 -1.77 24.44 7.15
N ALA B 148 -1.92 23.20 7.67
CA ALA B 148 -3.03 22.94 8.68
C ALA B 148 -2.76 23.70 9.97
N ILE B 149 -1.47 23.73 10.34
CA ILE B 149 -1.09 24.42 11.59
C ILE B 149 -1.45 25.92 11.51
N ALA B 150 -1.17 26.57 10.37
CA ALA B 150 -1.48 27.98 10.15
C ALA B 150 -3.03 28.18 10.11
N ALA B 151 -3.78 27.24 9.50
CA ALA B 151 -5.28 27.31 9.52
C ALA B 151 -5.91 27.23 10.95
N LEU B 152 -5.40 26.30 11.78
CA LEU B 152 -5.91 26.04 13.11
C LEU B 152 -5.58 27.21 14.05
N LYS B 153 -4.43 27.87 13.76
CA LYS B 153 -4.09 29.08 14.52
C LYS B 153 -4.85 30.34 14.09
N THR B 154 -5.49 30.31 12.94
CA THR B 154 -6.32 31.43 12.46
C THR B 154 -7.69 31.34 13.18
N PRO B 155 -8.06 32.36 14.03
CA PRO B 155 -9.41 32.35 14.70
C PRO B 155 -10.54 32.43 13.70
N VAL B 156 -11.57 31.59 13.88
CA VAL B 156 -12.70 31.63 12.92
C VAL B 156 -14.06 31.92 13.59
N GLU B 157 -14.12 31.91 14.92
CA GLU B 157 -15.38 32.17 15.65
C GLU B 157 -16.12 33.42 15.07
N GLY B 158 -17.38 33.23 14.73
CA GLY B 158 -18.20 34.29 14.12
C GLY B 158 -17.79 34.83 12.76
N ASN B 159 -16.77 34.24 12.12
CA ASN B 159 -16.30 34.77 10.82
C ASN B 159 -16.72 34.04 9.54
N ASN B 160 -17.63 33.06 9.68
CA ASN B 160 -18.05 32.09 8.63
C ASN B 160 -17.29 31.85 7.32
N VAL B 161 -16.87 32.91 6.64
CA VAL B 161 -16.15 32.76 5.38
C VAL B 161 -14.66 32.32 5.63
N GLU B 162 -14.10 32.75 6.76
CA GLU B 162 -12.81 32.25 7.27
C GLU B 162 -12.88 30.80 7.83
N LYS B 163 -14.02 30.44 8.41
CA LYS B 163 -14.30 29.07 8.81
C LYS B 163 -14.18 28.11 7.63
N GLU B 164 -14.84 28.43 6.50
CA GLU B 164 -14.89 27.59 5.32
C GLU B 164 -13.47 27.40 4.78
N LYS B 165 -12.71 28.47 4.81
CA LYS B 165 -11.38 28.50 4.25
C LYS B 165 -10.45 27.64 5.09
N ALA B 166 -10.51 27.79 6.42
CA ALA B 166 -9.66 26.98 7.35
C ALA B 166 -10.10 25.52 7.23
N ALA B 167 -11.41 25.29 7.15
CA ALA B 167 -11.94 23.93 7.02
C ALA B 167 -11.44 23.28 5.72
N ALA B 168 -11.33 24.06 4.63
CA ALA B 168 -10.87 23.50 3.36
C ALA B 168 -9.37 23.14 3.48
N ALA B 169 -8.60 23.95 4.24
CA ALA B 169 -7.18 23.65 4.36
C ALA B 169 -7.07 22.31 5.16
N ILE B 170 -7.89 22.14 6.19
CA ILE B 170 -7.86 20.87 6.93
C ILE B 170 -8.19 19.67 6.01
N ASP B 171 -9.24 19.78 5.21
CA ASP B 171 -9.60 18.68 4.31
C ASP B 171 -8.46 18.39 3.40
N LYS B 172 -7.76 19.42 2.95
CA LYS B 172 -6.72 19.15 1.88
C LYS B 172 -5.55 18.45 2.64
N THR B 173 -5.31 18.90 3.83
CA THR B 173 -4.31 18.16 4.68
C THR B 173 -4.69 16.70 4.96
N ASN B 174 -5.95 16.45 5.28
CA ASN B 174 -6.44 15.12 5.40
C ASN B 174 -6.09 14.23 4.17
N ARG B 175 -6.41 14.66 2.94
CA ARG B 175 -6.05 13.94 1.73
C ARG B 175 -4.51 13.75 1.61
N GLY B 176 -3.75 14.81 1.86
CA GLY B 176 -2.31 14.72 1.70
C GLY B 176 -1.68 13.71 2.65
N LEU B 177 -2.15 13.67 3.92
CA LEU B 177 -1.51 12.78 4.93
C LEU B 177 -1.79 11.35 4.53
N LYS B 178 -2.98 11.10 3.97
CA LYS B 178 -3.28 9.78 3.48
C LYS B 178 -2.32 9.42 2.36
N ASN B 179 -2.16 10.32 1.39
CA ASN B 179 -1.23 10.13 0.28
C ASN B 179 0.22 9.96 0.65
N SER B 180 0.64 10.65 1.72
CA SER B 180 1.94 10.51 2.29
C SER B 180 2.14 9.17 3.07
N LEU B 181 1.19 8.79 3.90
CA LEU B 181 1.25 7.52 4.65
C LEU B 181 1.37 6.36 3.64
N HIS B 182 0.54 6.37 2.64
CA HIS B 182 0.59 5.26 1.67
C HIS B 182 1.95 5.22 0.94
N ASN B 183 2.54 6.40 0.66
CA ASN B 183 3.87 6.34 0.06
C ASN B 183 4.91 5.63 0.98
N VAL B 184 4.91 6.02 2.24
CA VAL B 184 5.84 5.43 3.23
C VAL B 184 5.55 3.97 3.40
N LEU B 185 4.26 3.62 3.50
CA LEU B 185 3.98 2.20 3.63
C LEU B 185 4.50 1.36 2.42
N GLU B 186 4.36 1.87 1.17
CA GLU B 186 4.90 1.14 0.03
C GLU B 186 6.43 1.02 0.13
N VAL B 187 7.09 2.09 0.55
CA VAL B 187 8.57 2.01 0.70
C VAL B 187 8.90 0.88 1.73
N ARG B 188 8.15 0.84 2.83
CA ARG B 188 8.38 -0.19 3.83
C ARG B 188 8.13 -1.62 3.30
N TRP B 189 7.12 -1.81 2.44
CA TRP B 189 6.93 -3.13 1.79
C TRP B 189 8.21 -3.48 0.96
N GLU B 190 8.81 -2.47 0.33
CA GLU B 190 9.98 -2.72 -0.45
C GLU B 190 11.14 -3.12 0.48
N LEU B 191 11.29 -2.41 1.58
CA LEU B 191 12.37 -2.76 2.57
C LEU B 191 12.17 -4.16 3.14
N GLU B 192 10.92 -4.50 3.45
CA GLU B 192 10.57 -5.83 4.00
C GLU B 192 11.01 -6.95 3.02
N TRP B 193 10.77 -6.75 1.72
CA TRP B 193 11.19 -7.67 0.68
C TRP B 193 12.73 -7.71 0.56
N PHE B 194 13.38 -6.55 0.61
CA PHE B 194 14.89 -6.60 0.60
C PHE B 194 15.41 -7.45 1.77
N LEU B 195 14.84 -7.33 3.00
CA LEU B 195 15.33 -8.08 4.14
C LEU B 195 15.08 -9.54 3.97
N GLU B 196 14.02 -9.89 3.21
CA GLU B 196 13.68 -11.28 3.00
C GLU B 196 14.66 -11.91 2.00
N LEU B 197 15.06 -11.14 0.98
CA LEU B 197 15.97 -11.56 -0.09
C LEU B 197 17.39 -11.76 0.46
N LEU B 198 17.78 -10.81 1.30
CA LEU B 198 19.07 -10.80 2.00
C LEU B 198 19.14 -11.98 3.02
N SER B 199 18.02 -12.34 3.63
CA SER B 199 17.95 -13.51 4.51
C SER B 199 18.11 -14.87 3.76
N ALA B 200 17.27 -15.09 2.73
CA ALA B 200 17.33 -16.23 1.80
C ALA B 200 18.76 -16.53 1.32
N LYS B 201 19.54 -15.47 1.07
CA LYS B 201 21.00 -15.53 0.93
C LYS B 201 21.64 -15.41 2.32
#